data_7DAA
#
_entry.id   7DAA
#
_cell.length_a   117.345
_cell.length_b   247.352
_cell.length_c   52.251
_cell.angle_alpha   90.00
_cell.angle_beta   90.00
_cell.angle_gamma   90.00
#
_symmetry.space_group_name_H-M   'C 2 2 21'
#
loop_
_entity.id
_entity.type
_entity.pdbx_description
1 polymer 'Isoform 2 of Basigin'
2 polymer 'Light chain of antibody Fab fragment'
3 polymer 'Heavy chain of antibody Fab fragment'
4 non-polymer 'CADMIUM ION'
#
loop_
_entity_poly.entity_id
_entity_poly.type
_entity_poly.pdbx_seq_one_letter_code
_entity_poly.pdbx_strand_id
1 'polypeptide(L)'
;AGPPRVKAVKSSEHINEGETAMLVCKSESVPPVTDWAWYKITDSEDKALMQGSESRFFVSSSQGRSELHIENLNMEADPG
QYRCQGTSSKGSDQAIITLRVRSHLAALWPFLGIVAEVLVLVTIIFIYEKRRKPEDVLDDDDAGSAPLKSSGQHQNDKGK
NVRQRNSSDYKDDDDK
;
A
2 'polypeptide(L)'
;ADVVMTQTPSSVSAAVGGTVTINCQASQSISAYLAWYQQKPGQPPKLLIYDASDLASGVSSRFKGSGSGTQFTLTISDLE
CADAATYYCQTYYAIITYGAAFGGGTEVVVKRTVAAPSVFIFPPSDEQLKSGTASVVCLLNNFYPREAKVQWKVDNALQS
GNSQESVTEQDSKDCTYSLSSTLTLSKADYEKHKVYACEVTHQGLSSPVTKSFNRGEC
;
L
3 'polypeptide(L)'
;(PCA)SVEESGGRLVTPGTPLTLTCTVSGFSLSDYAMSWVRQAPGKGLEWIGIIYASGSTYYASWAKGRFTISKTSTTVD
LKITSPTTEDTATYFCARYYAGSDIWGPGTLVTVSSASTKGPSVFPLAPSSKSTSGGTAALGCLVKDYFPEPVTVSWNSG
ALTSGVHTFPAVLQSSGLYSLSSVVTVPSSSLGTQTYICNVNHKPSNTKVDKKVEPKSCDK
;
H
#
loop_
_chem_comp.id
_chem_comp.type
_chem_comp.name
_chem_comp.formula
CD non-polymer 'CADMIUM ION' 'Cd 2'
#
# COMPACT_ATOMS: atom_id res chain seq x y z
N PRO A 3 -37.56 7.64 -13.19
CA PRO A 3 -38.22 7.36 -11.91
C PRO A 3 -37.32 6.61 -10.93
N PRO A 4 -36.97 7.26 -9.82
CA PRO A 4 -36.03 6.65 -8.87
C PRO A 4 -36.65 5.49 -8.11
N ARG A 5 -35.78 4.61 -7.63
CA ARG A 5 -36.18 3.47 -6.81
C ARG A 5 -35.15 3.30 -5.70
N VAL A 6 -35.60 3.39 -4.46
CA VAL A 6 -34.71 3.25 -3.32
C VAL A 6 -34.90 1.87 -2.71
N LYS A 7 -33.88 1.45 -1.98
CA LYS A 7 -33.88 0.17 -1.29
C LYS A 7 -33.29 0.39 0.10
N ALA A 8 -33.44 -0.64 0.93
CA ALA A 8 -32.78 -0.74 2.23
C ALA A 8 -31.69 -1.79 2.14
N VAL A 9 -30.54 -1.51 2.76
CA VAL A 9 -29.46 -2.50 2.82
C VAL A 9 -29.91 -3.69 3.67
N LYS A 10 -30.22 -3.44 4.94
CA LYS A 10 -30.87 -4.41 5.81
C LYS A 10 -32.19 -3.81 6.28
N SER A 11 -33.28 -4.56 6.05
CA SER A 11 -34.63 -4.08 6.34
C SER A 11 -35.02 -4.30 7.80
N SER A 12 -34.30 -5.12 8.55
CA SER A 12 -34.56 -5.35 9.96
C SER A 12 -33.24 -5.39 10.70
N GLU A 13 -33.26 -4.97 11.96
CA GLU A 13 -32.05 -4.90 12.77
C GLU A 13 -32.35 -5.33 14.20
N HIS A 14 -31.76 -6.46 14.61
CA HIS A 14 -31.79 -6.91 16.00
C HIS A 14 -30.55 -6.32 16.70
N ILE A 15 -30.69 -5.10 17.19
CA ILE A 15 -29.58 -4.36 17.80
C ILE A 15 -29.87 -4.16 19.28
N ASN A 16 -28.89 -4.47 20.12
CA ASN A 16 -29.08 -4.38 21.56
C ASN A 16 -29.14 -2.92 22.01
N GLU A 17 -29.62 -2.73 23.24
CA GLU A 17 -29.73 -1.40 23.81
C GLU A 17 -28.36 -0.81 24.12
N GLY A 18 -28.32 0.51 24.18
CA GLY A 18 -27.07 1.21 24.48
C GLY A 18 -26.22 1.37 23.23
N GLU A 19 -26.03 0.25 22.54
CA GLU A 19 -25.31 0.27 21.27
C GLU A 19 -26.12 1.03 20.22
N THR A 20 -25.41 1.77 19.37
CA THR A 20 -26.09 2.62 18.40
C THR A 20 -26.52 1.80 17.18
N ALA A 21 -27.40 2.40 16.38
CA ALA A 21 -27.96 1.76 15.20
C ALA A 21 -27.64 2.60 13.97
N MET A 22 -27.52 1.91 12.83
CA MET A 22 -27.30 2.57 11.54
C MET A 22 -28.23 1.96 10.51
N LEU A 23 -29.09 2.79 9.93
CA LEU A 23 -30.01 2.39 8.88
C LEU A 23 -29.64 3.11 7.59
N VAL A 24 -29.44 2.35 6.52
CA VAL A 24 -28.93 2.87 5.26
C VAL A 24 -29.91 2.58 4.15
N CYS A 25 -30.11 3.56 3.26
CA CYS A 25 -30.88 3.40 2.05
C CYS A 25 -30.03 3.83 0.87
N LYS A 26 -30.12 3.08 -0.23
CA LYS A 26 -29.33 3.34 -1.42
C LYS A 26 -30.24 3.42 -2.64
N SER A 27 -29.73 4.06 -3.69
CA SER A 27 -30.46 4.20 -4.94
C SER A 27 -29.47 4.30 -6.08
N GLU A 28 -29.49 3.34 -6.98
CA GLU A 28 -28.62 3.32 -8.15
C GLU A 28 -29.28 3.95 -9.37
N SER A 29 -30.37 4.70 -9.18
CA SER A 29 -31.11 5.25 -10.30
C SER A 29 -30.47 6.54 -10.80
N VAL A 30 -30.59 6.77 -12.10
CA VAL A 30 -30.11 7.98 -12.75
C VAL A 30 -31.31 8.71 -13.31
N PRO A 31 -31.49 10.01 -13.03
CA PRO A 31 -30.63 10.93 -12.25
C PRO A 31 -30.51 10.52 -10.78
N PRO A 32 -29.37 10.86 -10.18
CA PRO A 32 -29.11 10.41 -8.80
C PRO A 32 -30.06 11.05 -7.80
N VAL A 33 -30.25 10.33 -6.70
CA VAL A 33 -31.03 10.82 -5.56
C VAL A 33 -30.15 11.73 -4.72
N THR A 34 -30.36 13.03 -4.84
CA THR A 34 -29.55 14.00 -4.11
C THR A 34 -30.19 14.47 -2.81
N ASP A 35 -31.50 14.37 -2.67
CA ASP A 35 -32.21 14.84 -1.49
C ASP A 35 -32.77 13.64 -0.74
N TRP A 36 -32.31 13.43 0.49
CA TRP A 36 -32.75 12.33 1.33
C TRP A 36 -33.49 12.88 2.55
N ALA A 37 -34.55 12.19 2.93
CA ALA A 37 -35.35 12.56 4.10
C ALA A 37 -35.66 11.32 4.92
N TRP A 38 -35.65 11.47 6.24
CA TRP A 38 -35.88 10.36 7.16
C TRP A 38 -37.02 10.73 8.10
N TYR A 39 -37.95 9.79 8.29
CA TYR A 39 -39.06 9.95 9.23
C TYR A 39 -39.17 8.70 10.09
N LYS A 40 -39.87 8.84 11.21
CA LYS A 40 -40.20 7.73 12.10
C LYS A 40 -41.70 7.50 12.09
N ILE A 41 -42.10 6.24 11.93
CA ILE A 41 -43.52 5.90 11.88
C ILE A 41 -44.00 5.48 13.27
N ARG A 56 -29.08 12.80 19.52
CA ARG A 56 -28.85 11.36 19.44
C ARG A 56 -28.99 10.87 18.00
N PHE A 57 -29.52 11.72 17.13
CA PHE A 57 -29.82 11.37 15.75
C PHE A 57 -28.85 12.08 14.81
N PHE A 58 -28.10 11.29 14.04
CA PHE A 58 -27.15 11.81 13.07
C PHE A 58 -27.43 11.17 11.73
N VAL A 59 -27.52 11.99 10.68
CA VAL A 59 -27.74 11.49 9.33
C VAL A 59 -26.57 11.90 8.45
N SER A 60 -26.25 11.04 7.48
CA SER A 60 -25.15 11.25 6.55
C SER A 60 -25.66 10.94 5.15
N SER A 61 -26.03 11.98 4.41
CA SER A 61 -26.65 11.84 3.10
C SER A 61 -25.62 12.12 2.02
N SER A 62 -25.64 11.30 0.97
CA SER A 62 -24.80 11.47 -0.19
C SER A 62 -25.64 11.21 -1.43
N GLN A 63 -25.00 11.28 -2.59
CA GLN A 63 -25.69 11.03 -3.86
C GLN A 63 -25.98 9.54 -3.97
N GLY A 64 -27.25 9.17 -3.77
CA GLY A 64 -27.67 7.79 -3.88
C GLY A 64 -27.44 6.94 -2.65
N ARG A 65 -27.14 7.55 -1.51
CA ARG A 65 -26.94 6.79 -0.27
C ARG A 65 -27.10 7.72 0.91
N SER A 66 -27.84 7.27 1.92
CA SER A 66 -28.03 8.04 3.15
C SER A 66 -28.06 7.08 4.33
N GLU A 67 -27.40 7.46 5.41
CA GLU A 67 -27.28 6.65 6.62
C GLU A 67 -27.82 7.42 7.81
N LEU A 68 -28.65 6.78 8.62
CA LEU A 68 -29.22 7.39 9.80
C LEU A 68 -28.67 6.68 11.04
N HIS A 69 -27.97 7.43 11.89
CA HIS A 69 -27.39 6.91 13.11
C HIS A 69 -28.25 7.30 14.30
N ILE A 70 -28.60 6.33 15.13
CA ILE A 70 -29.36 6.55 16.35
C ILE A 70 -28.50 6.08 17.51
N GLU A 71 -27.95 7.02 18.28
CA GLU A 71 -27.09 6.70 19.40
C GLU A 71 -27.89 6.39 20.65
N ASN A 72 -27.34 5.52 21.49
CA ASN A 72 -27.92 5.14 22.77
C ASN A 72 -29.37 4.68 22.62
N LEU A 73 -29.53 3.54 21.94
CA LEU A 73 -30.85 3.02 21.66
C LEU A 73 -31.62 2.75 22.95
N ASN A 74 -32.84 3.28 23.02
CA ASN A 74 -33.71 3.08 24.17
C ASN A 74 -34.59 1.85 23.93
N MET A 75 -34.67 0.99 24.95
CA MET A 75 -35.45 -0.24 24.82
C MET A 75 -36.94 0.04 24.68
N GLU A 76 -37.40 1.24 25.02
CA GLU A 76 -38.82 1.55 25.08
C GLU A 76 -39.28 2.58 24.06
N ALA A 77 -38.41 3.50 23.64
CA ALA A 77 -38.81 4.60 22.77
C ALA A 77 -38.33 4.49 21.34
N ASP A 78 -37.15 3.90 21.12
CA ASP A 78 -36.52 3.85 19.80
C ASP A 78 -37.03 2.75 18.85
N PRO A 79 -37.53 1.60 19.32
CA PRO A 79 -37.99 0.58 18.37
C PRO A 79 -39.19 1.05 17.56
N GLY A 80 -39.30 0.53 16.35
CA GLY A 80 -40.39 0.88 15.47
C GLY A 80 -39.98 0.72 14.01
N GLN A 81 -40.62 1.50 13.15
CA GLN A 81 -40.35 1.50 11.72
C GLN A 81 -39.89 2.88 11.29
N TYR A 82 -38.90 2.92 10.41
CA TYR A 82 -38.33 4.17 9.92
C TYR A 82 -38.46 4.23 8.40
N ARG A 83 -38.46 5.45 7.87
CA ARG A 83 -38.83 5.69 6.48
C ARG A 83 -37.83 6.65 5.85
N CYS A 84 -37.07 6.17 4.87
CA CYS A 84 -36.16 7.00 4.11
C CYS A 84 -36.82 7.45 2.80
N GLN A 85 -36.49 8.67 2.38
CA GLN A 85 -37.15 9.29 1.24
C GLN A 85 -36.12 9.65 0.18
N GLY A 86 -36.24 9.05 -1.00
CA GLY A 86 -35.30 9.28 -2.07
C GLY A 86 -35.81 10.22 -3.14
N THR A 87 -35.49 11.51 -3.01
CA THR A 87 -36.00 12.54 -3.90
C THR A 87 -35.02 12.81 -5.03
N SER A 88 -35.53 12.78 -6.26
CA SER A 88 -34.76 13.11 -7.46
C SER A 88 -35.67 13.85 -8.42
N SER A 89 -35.08 14.30 -9.55
CA SER A 89 -35.85 15.08 -10.51
C SER A 89 -36.92 14.24 -11.20
N LYS A 90 -36.69 12.94 -11.38
CA LYS A 90 -37.65 12.08 -12.02
C LYS A 90 -38.73 11.57 -11.08
N GLY A 91 -38.67 11.92 -9.80
CA GLY A 91 -39.65 11.48 -8.84
C GLY A 91 -38.99 11.19 -7.51
N SER A 92 -39.78 10.62 -6.59
CA SER A 92 -39.28 10.26 -5.28
C SER A 92 -39.80 8.89 -4.89
N ASP A 93 -39.07 8.24 -4.01
CA ASP A 93 -39.39 6.88 -3.61
C ASP A 93 -39.07 6.71 -2.13
N GLN A 94 -39.64 5.67 -1.53
CA GLN A 94 -39.50 5.45 -0.09
C GLN A 94 -39.25 3.98 0.19
N ALA A 95 -38.60 3.73 1.33
CA ALA A 95 -38.38 2.39 1.85
C ALA A 95 -38.55 2.42 3.36
N ILE A 96 -39.06 1.32 3.91
CA ILE A 96 -39.35 1.22 5.33
C ILE A 96 -38.40 0.20 5.94
N ILE A 97 -37.80 0.57 7.07
CA ILE A 97 -36.85 -0.27 7.79
C ILE A 97 -37.35 -0.44 9.22
N THR A 98 -37.30 -1.67 9.72
CA THR A 98 -37.73 -1.99 11.07
C THR A 98 -36.52 -2.14 11.98
N LEU A 99 -36.64 -1.60 13.20
CA LEU A 99 -35.56 -1.63 14.17
C LEU A 99 -36.08 -2.21 15.48
N ARG A 100 -35.61 -3.40 15.83
CA ARG A 100 -35.90 -4.01 17.12
C ARG A 100 -34.72 -3.80 18.06
N VAL A 101 -35.01 -3.55 19.33
CA VAL A 101 -33.97 -3.31 20.34
C VAL A 101 -34.22 -4.23 21.52
N ARG A 102 -33.14 -4.74 22.10
CA ARG A 102 -33.23 -5.63 23.25
C ARG A 102 -33.17 -4.84 24.56
N ALA B 1 -16.47 2.03 22.70
CA ALA B 1 -15.09 1.77 22.30
C ALA B 1 -15.02 1.43 20.82
N ASP B 2 -13.84 1.63 20.23
CA ASP B 2 -13.65 1.36 18.81
C ASP B 2 -13.74 -0.14 18.54
N VAL B 3 -14.37 -0.48 17.41
CA VAL B 3 -14.46 -1.87 16.99
C VAL B 3 -13.09 -2.35 16.53
N VAL B 4 -12.73 -3.57 16.92
CA VAL B 4 -11.47 -4.19 16.54
C VAL B 4 -11.76 -5.29 15.52
N MET B 5 -10.99 -5.31 14.44
CA MET B 5 -11.17 -6.28 13.36
C MET B 5 -10.01 -7.26 13.40
N THR B 6 -10.32 -8.54 13.64
CA THR B 6 -9.33 -9.60 13.72
C THR B 6 -9.33 -10.36 12.40
N GLN B 7 -8.27 -10.19 11.62
CA GLN B 7 -8.16 -10.79 10.29
C GLN B 7 -7.22 -11.98 10.32
N THR B 8 -7.72 -13.14 9.89
CA THR B 8 -6.96 -14.38 9.87
C THR B 8 -7.21 -15.11 8.55
N PRO B 9 -6.20 -15.81 8.02
CA PRO B 9 -4.83 -15.91 8.55
C PRO B 9 -4.01 -14.69 8.16
N SER B 10 -2.80 -14.55 8.69
CA SER B 10 -1.96 -13.42 8.33
C SER B 10 -1.32 -13.57 6.95
N SER B 11 -1.28 -14.79 6.41
CA SER B 11 -0.71 -15.03 5.09
C SER B 11 -1.30 -16.32 4.55
N VAL B 12 -1.94 -16.24 3.39
CA VAL B 12 -2.56 -17.40 2.75
C VAL B 12 -1.93 -17.62 1.39
N SER B 13 -1.94 -18.87 0.94
CA SER B 13 -1.23 -19.26 -0.26
C SER B 13 -2.00 -20.34 -1.02
N ALA B 14 -1.90 -20.27 -2.34
CA ALA B 14 -2.50 -21.29 -3.21
C ALA B 14 -1.89 -21.16 -4.59
N ALA B 15 -2.01 -22.23 -5.37
CA ALA B 15 -1.47 -22.26 -6.72
C ALA B 15 -2.38 -21.51 -7.69
N VAL B 16 -1.87 -21.30 -8.90
CA VAL B 16 -2.65 -20.65 -9.94
C VAL B 16 -3.87 -21.50 -10.27
N GLY B 17 -5.03 -20.87 -10.31
CA GLY B 17 -6.28 -21.57 -10.50
C GLY B 17 -6.91 -22.09 -9.24
N GLY B 18 -6.24 -21.95 -8.09
CA GLY B 18 -6.77 -22.41 -6.82
C GLY B 18 -7.67 -21.41 -6.15
N THR B 19 -7.88 -21.62 -4.85
CA THR B 19 -8.81 -20.82 -4.07
C THR B 19 -8.20 -20.50 -2.71
N VAL B 20 -8.35 -19.25 -2.28
CA VAL B 20 -7.92 -18.81 -0.96
C VAL B 20 -9.12 -18.23 -0.22
N THR B 21 -9.22 -18.55 1.06
CA THR B 21 -10.28 -18.06 1.93
C THR B 21 -9.66 -17.22 3.03
N ILE B 22 -10.29 -16.08 3.32
CA ILE B 22 -9.78 -15.14 4.31
C ILE B 22 -10.93 -14.67 5.18
N ASN B 23 -10.67 -14.56 6.49
CA ASN B 23 -11.69 -14.27 7.47
C ASN B 23 -11.40 -12.97 8.21
N CYS B 24 -12.46 -12.27 8.59
CA CYS B 24 -12.37 -11.10 9.46
C CYS B 24 -13.45 -11.21 10.54
N GLN B 25 -13.05 -11.03 11.79
CA GLN B 25 -13.94 -11.18 12.94
C GLN B 25 -14.01 -9.85 13.68
N ALA B 26 -15.22 -9.33 13.84
CA ALA B 26 -15.43 -8.06 14.52
C ALA B 26 -15.67 -8.30 16.02
N SER B 27 -15.15 -7.39 16.84
CA SER B 27 -15.31 -7.52 18.28
C SER B 27 -16.76 -7.43 18.70
N GLN B 28 -17.62 -6.79 17.90
CA GLN B 28 -19.05 -6.78 18.14
C GLN B 28 -19.75 -6.66 16.79
N SER B 29 -21.07 -6.82 16.82
CA SER B 29 -21.85 -6.88 15.60
C SER B 29 -21.76 -5.58 14.82
N ILE B 30 -21.46 -5.70 13.54
CA ILE B 30 -21.41 -4.57 12.61
C ILE B 30 -22.45 -4.69 11.49
N SER B 31 -23.40 -5.60 11.61
CA SER B 31 -24.45 -5.81 10.61
C SER B 31 -23.77 -6.31 9.34
N ALA B 32 -24.01 -5.70 8.17
CA ALA B 32 -23.34 -6.14 6.94
C ALA B 32 -22.48 -5.05 6.34
N TYR B 33 -22.06 -4.07 7.16
CA TYR B 33 -21.34 -2.89 6.68
C TYR B 33 -19.83 -3.12 6.84
N LEU B 34 -19.32 -3.97 5.95
CA LEU B 34 -17.91 -4.31 5.88
C LEU B 34 -17.43 -4.17 4.45
N ALA B 35 -16.18 -3.75 4.29
CA ALA B 35 -15.58 -3.56 2.98
C ALA B 35 -14.29 -4.36 2.88
N TRP B 36 -14.02 -4.87 1.68
CA TRP B 36 -12.80 -5.62 1.39
C TRP B 36 -11.95 -4.83 0.39
N TYR B 37 -10.65 -4.77 0.65
CA TYR B 37 -9.72 -3.97 -0.14
C TYR B 37 -8.58 -4.83 -0.63
N GLN B 38 -8.01 -4.42 -1.78
CA GLN B 38 -6.80 -5.01 -2.34
C GLN B 38 -5.75 -3.92 -2.48
N GLN B 39 -4.56 -4.18 -1.92
CA GLN B 39 -3.46 -3.22 -1.99
C GLN B 39 -2.23 -3.93 -2.56
N LYS B 40 -1.82 -3.52 -3.74
CA LYS B 40 -0.58 -3.98 -4.34
C LYS B 40 0.58 -3.11 -3.86
N PRO B 41 1.81 -3.64 -3.86
CA PRO B 41 2.94 -2.86 -3.34
C PRO B 41 3.11 -1.53 -4.05
N GLY B 42 3.35 -0.48 -3.26
CA GLY B 42 3.55 0.85 -3.79
C GLY B 42 2.30 1.56 -4.26
N GLN B 43 1.15 0.91 -4.21
CA GLN B 43 -0.10 1.46 -4.72
C GLN B 43 -1.08 1.71 -3.59
N PRO B 44 -2.07 2.60 -3.80
CA PRO B 44 -3.13 2.77 -2.81
C PRO B 44 -4.07 1.57 -2.83
N PRO B 45 -4.81 1.35 -1.74
CA PRO B 45 -5.78 0.25 -1.72
C PRO B 45 -6.89 0.46 -2.74
N LYS B 46 -7.46 -0.65 -3.19
CA LYS B 46 -8.60 -0.63 -4.10
C LYS B 46 -9.76 -1.37 -3.47
N LEU B 47 -10.91 -0.71 -3.41
CA LEU B 47 -12.11 -1.34 -2.86
C LEU B 47 -12.58 -2.48 -3.76
N LEU B 48 -12.77 -3.65 -3.16
CA LEU B 48 -13.27 -4.82 -3.88
C LEU B 48 -14.74 -5.08 -3.58
N ILE B 49 -15.06 -5.32 -2.30
CA ILE B 49 -16.41 -5.65 -1.88
C ILE B 49 -16.88 -4.58 -0.92
N TYR B 50 -18.16 -4.19 -1.04
CA TYR B 50 -18.81 -3.32 -0.08
C TYR B 50 -20.13 -3.95 0.34
N ASP B 51 -20.62 -3.54 1.50
CA ASP B 51 -21.84 -4.10 2.08
C ASP B 51 -21.76 -5.62 2.17
N ALA B 52 -20.59 -6.11 2.61
CA ALA B 52 -20.33 -7.52 2.87
C ALA B 52 -20.28 -8.38 1.62
N SER B 53 -21.22 -8.20 0.69
CA SER B 53 -21.34 -9.10 -0.46
C SER B 53 -21.42 -8.41 -1.81
N ASP B 54 -21.57 -7.09 -1.88
CA ASP B 54 -21.73 -6.39 -3.15
C ASP B 54 -20.37 -6.08 -3.76
N LEU B 55 -20.24 -6.35 -5.05
CA LEU B 55 -18.98 -6.17 -5.77
C LEU B 55 -18.86 -4.74 -6.25
N ALA B 56 -17.64 -4.19 -6.14
CA ALA B 56 -17.39 -2.86 -6.67
C ALA B 56 -17.31 -2.92 -8.19
N SER B 57 -17.19 -1.74 -8.80
CA SER B 57 -17.16 -1.64 -10.25
C SER B 57 -15.88 -2.26 -10.81
N GLY B 58 -16.03 -3.07 -11.86
CA GLY B 58 -14.90 -3.64 -12.55
C GLY B 58 -14.21 -4.79 -11.86
N VAL B 59 -14.61 -5.15 -10.64
CA VAL B 59 -13.97 -6.23 -9.92
C VAL B 59 -14.56 -7.55 -10.38
N SER B 60 -13.68 -8.54 -10.60
CA SER B 60 -14.11 -9.83 -11.09
C SER B 60 -15.00 -10.55 -10.08
N SER B 61 -15.99 -11.28 -10.57
CA SER B 61 -16.87 -12.06 -9.71
C SER B 61 -16.15 -13.23 -9.03
N ARG B 62 -14.86 -13.44 -9.33
CA ARG B 62 -14.07 -14.43 -8.61
C ARG B 62 -13.89 -14.04 -7.15
N PHE B 63 -14.01 -12.76 -6.83
CA PHE B 63 -13.98 -12.28 -5.46
C PHE B 63 -15.38 -12.37 -4.87
N LYS B 64 -15.53 -13.10 -3.77
CA LYS B 64 -16.82 -13.39 -3.17
C LYS B 64 -16.78 -13.00 -1.69
N GLY B 65 -17.68 -12.11 -1.29
CA GLY B 65 -17.79 -11.67 0.09
C GLY B 65 -19.00 -12.32 0.76
N SER B 66 -18.82 -12.75 2.00
CA SER B 66 -19.88 -13.41 2.74
C SER B 66 -19.83 -13.00 4.20
N GLY B 67 -20.93 -13.24 4.90
CA GLY B 67 -21.01 -13.05 6.33
C GLY B 67 -21.88 -11.86 6.72
N SER B 68 -22.13 -11.78 8.02
CA SER B 68 -22.87 -10.68 8.64
C SER B 68 -22.65 -10.75 10.14
N GLY B 69 -22.86 -9.62 10.80
CA GLY B 69 -22.69 -9.54 12.24
C GLY B 69 -21.24 -9.48 12.67
N THR B 70 -20.68 -10.64 13.02
CA THR B 70 -19.32 -10.72 13.54
C THR B 70 -18.40 -11.63 12.73
N GLN B 71 -18.91 -12.33 11.71
CA GLN B 71 -18.13 -13.24 10.91
C GLN B 71 -18.23 -12.82 9.44
N PHE B 72 -17.07 -12.73 8.78
CA PHE B 72 -17.02 -12.32 7.39
C PHE B 72 -15.95 -13.12 6.65
N THR B 73 -16.13 -13.26 5.35
CA THR B 73 -15.23 -14.08 4.55
C THR B 73 -15.15 -13.53 3.13
N LEU B 74 -13.93 -13.37 2.63
CA LEU B 74 -13.67 -13.09 1.22
C LEU B 74 -13.05 -14.33 0.60
N THR B 75 -13.57 -14.73 -0.56
CA THR B 75 -13.11 -15.92 -1.26
C THR B 75 -12.63 -15.54 -2.64
N ILE B 76 -11.36 -15.80 -2.92
CA ILE B 76 -10.75 -15.53 -4.22
C ILE B 76 -10.60 -16.87 -4.91
N SER B 77 -11.48 -17.16 -5.86
CA SER B 77 -11.45 -18.40 -6.62
C SER B 77 -10.70 -18.20 -7.93
N ASP B 78 -10.10 -19.28 -8.42
CA ASP B 78 -9.34 -19.26 -9.66
C ASP B 78 -8.22 -18.22 -9.60
N LEU B 79 -7.30 -18.47 -8.68
CA LEU B 79 -6.27 -17.49 -8.36
C LEU B 79 -5.40 -17.19 -9.57
N GLU B 80 -5.00 -15.93 -9.71
CA GLU B 80 -4.11 -15.50 -10.78
C GLU B 80 -2.96 -14.72 -10.18
N CYS B 81 -1.96 -14.45 -11.03
CA CYS B 81 -0.81 -13.64 -10.59
C CYS B 81 -1.22 -12.23 -10.25
N ALA B 82 -2.23 -11.68 -10.92
CA ALA B 82 -2.66 -10.33 -10.62
C ALA B 82 -3.31 -10.23 -9.24
N ASP B 83 -3.68 -11.36 -8.64
CA ASP B 83 -4.26 -11.36 -7.32
C ASP B 83 -3.23 -11.26 -6.20
N ALA B 84 -1.95 -11.35 -6.51
CA ALA B 84 -0.90 -11.29 -5.50
C ALA B 84 -0.85 -9.89 -4.91
N ALA B 85 -1.34 -9.75 -3.68
CA ALA B 85 -1.37 -8.47 -2.99
C ALA B 85 -1.67 -8.75 -1.52
N THR B 86 -1.85 -7.67 -0.75
CA THR B 86 -2.28 -7.75 0.63
C THR B 86 -3.70 -7.22 0.73
N TYR B 87 -4.57 -7.98 1.41
CA TYR B 87 -5.99 -7.67 1.47
C TYR B 87 -6.39 -7.24 2.88
N TYR B 88 -7.24 -6.21 2.96
CA TYR B 88 -7.67 -5.64 4.22
C TYR B 88 -9.19 -5.58 4.26
N CYS B 89 -9.75 -5.81 5.44
CA CYS B 89 -11.16 -5.57 5.70
C CYS B 89 -11.31 -4.31 6.54
N GLN B 90 -12.52 -3.74 6.54
CA GLN B 90 -12.77 -2.53 7.31
C GLN B 90 -14.25 -2.46 7.64
N THR B 91 -14.55 -2.09 8.88
CA THR B 91 -15.92 -1.81 9.29
C THR B 91 -16.23 -0.34 9.08
N TYR B 92 -17.47 -0.07 8.68
CA TYR B 92 -17.97 1.30 8.63
C TYR B 92 -19.40 1.38 9.18
N TYR B 93 -19.72 0.51 10.13
CA TYR B 93 -21.02 0.56 10.80
C TYR B 93 -20.94 1.54 11.96
N ALA B 94 -21.76 2.58 11.90
CA ALA B 94 -21.86 3.58 12.97
C ALA B 94 -20.47 4.11 13.36
N ILE B 95 -19.83 4.76 12.39
CA ILE B 95 -18.45 5.23 12.57
C ILE B 95 -18.37 6.23 13.72
N ILE B 96 -19.42 7.05 13.91
CA ILE B 96 -19.41 8.08 14.93
C ILE B 96 -19.30 7.52 16.33
N THR B 97 -19.55 6.23 16.51
CA THR B 97 -19.45 5.59 17.81
C THR B 97 -18.39 4.49 17.85
N TYR B 98 -18.19 3.76 16.75
CA TYR B 98 -17.32 2.60 16.75
C TYR B 98 -16.07 2.76 15.91
N GLY B 99 -15.92 3.86 15.19
CA GLY B 99 -14.75 4.01 14.35
C GLY B 99 -14.82 3.14 13.11
N ALA B 100 -13.72 3.18 12.34
CA ALA B 100 -13.62 2.48 11.07
C ALA B 100 -12.28 1.74 10.99
N ALA B 101 -12.04 0.90 11.99
CA ALA B 101 -10.77 0.18 12.07
C ALA B 101 -10.61 -0.81 10.92
N PHE B 102 -9.39 -0.92 10.41
CA PHE B 102 -9.05 -1.91 9.41
C PHE B 102 -8.60 -3.20 10.10
N GLY B 103 -8.72 -4.30 9.36
CA GLY B 103 -8.13 -5.55 9.80
C GLY B 103 -6.61 -5.47 9.73
N GLY B 104 -5.98 -6.46 10.37
CA GLY B 104 -4.52 -6.52 10.37
C GLY B 104 -3.91 -6.69 8.99
N GLY B 105 -4.68 -7.19 8.04
CA GLY B 105 -4.19 -7.44 6.69
C GLY B 105 -3.63 -8.83 6.53
N THR B 106 -3.56 -9.28 5.27
CA THR B 106 -3.08 -10.62 4.98
C THR B 106 -2.54 -10.66 3.56
N GLU B 107 -1.34 -11.21 3.41
CA GLU B 107 -0.73 -11.34 2.10
C GLU B 107 -1.16 -12.63 1.41
N VAL B 108 -1.48 -12.52 0.13
CA VAL B 108 -1.82 -13.67 -0.69
C VAL B 108 -0.62 -13.97 -1.57
N VAL B 109 -0.04 -15.15 -1.39
CA VAL B 109 1.11 -15.59 -2.18
C VAL B 109 0.62 -16.61 -3.20
N VAL B 110 0.87 -16.34 -4.47
CA VAL B 110 0.42 -17.20 -5.56
C VAL B 110 1.52 -18.20 -5.86
N LYS B 111 1.25 -19.48 -5.62
CA LYS B 111 2.23 -20.55 -5.86
C LYS B 111 2.33 -20.82 -7.35
N ARG B 112 3.27 -20.12 -8.00
CA ARG B 112 3.53 -20.33 -9.41
C ARG B 112 4.55 -21.45 -9.59
N THR B 113 4.90 -21.73 -10.84
CA THR B 113 5.88 -22.77 -11.10
C THR B 113 7.28 -22.30 -10.67
N VAL B 114 8.17 -23.28 -10.50
CA VAL B 114 9.54 -22.98 -10.08
C VAL B 114 10.23 -22.21 -11.19
N ALA B 115 10.93 -21.14 -10.81
CA ALA B 115 11.73 -20.34 -11.75
C ALA B 115 13.12 -20.19 -11.17
N ALA B 116 14.13 -20.60 -11.95
CA ALA B 116 15.50 -20.48 -11.49
C ALA B 116 15.96 -19.03 -11.56
N PRO B 117 16.81 -18.60 -10.64
CA PRO B 117 17.27 -17.20 -10.64
C PRO B 117 18.32 -16.96 -11.71
N SER B 118 18.23 -15.80 -12.35
CA SER B 118 19.26 -15.32 -13.25
C SER B 118 20.26 -14.51 -12.43
N VAL B 119 21.47 -15.05 -12.25
CA VAL B 119 22.46 -14.45 -11.37
C VAL B 119 23.37 -13.53 -12.19
N PHE B 120 23.60 -12.32 -11.67
CA PHE B 120 24.52 -11.37 -12.25
C PHE B 120 25.35 -10.76 -11.14
N ILE B 121 26.62 -10.45 -11.43
CA ILE B 121 27.53 -9.85 -10.47
C ILE B 121 28.02 -8.52 -11.03
N PHE B 122 28.19 -7.54 -10.15
CA PHE B 122 28.61 -6.19 -10.52
C PHE B 122 29.78 -5.77 -9.65
N PRO B 123 30.93 -5.45 -10.23
CA PRO B 123 32.05 -4.94 -9.46
C PRO B 123 31.80 -3.51 -9.05
N PRO B 124 32.55 -2.98 -8.08
CA PRO B 124 32.37 -1.58 -7.70
C PRO B 124 32.88 -0.63 -8.78
N SER B 125 32.22 0.52 -8.89
CA SER B 125 32.60 1.51 -9.87
C SER B 125 33.87 2.24 -9.44
N ASP B 126 34.56 2.80 -10.43
CA ASP B 126 35.75 3.59 -10.14
C ASP B 126 35.42 4.85 -9.35
N GLU B 127 34.22 5.40 -9.55
CA GLU B 127 33.83 6.62 -8.84
C GLU B 127 33.69 6.36 -7.35
N GLN B 128 33.03 5.26 -6.97
CA GLN B 128 32.84 4.96 -5.56
C GLN B 128 34.16 4.61 -4.87
N LEU B 129 35.08 3.98 -5.59
CA LEU B 129 36.37 3.64 -5.00
C LEU B 129 37.13 4.90 -4.57
N LYS B 130 36.98 5.99 -5.30
CA LYS B 130 37.61 7.25 -4.91
C LYS B 130 37.12 7.74 -3.55
N SER B 131 35.92 7.35 -3.13
CA SER B 131 35.40 7.72 -1.82
C SER B 131 35.94 6.83 -0.71
N GLY B 132 36.65 5.75 -1.04
CA GLY B 132 37.21 4.87 -0.03
C GLY B 132 36.35 3.70 0.37
N THR B 133 35.26 3.44 -0.35
CA THR B 133 34.36 2.33 -0.04
C THR B 133 34.03 1.58 -1.33
N ALA B 134 33.89 0.27 -1.24
CA ALA B 134 33.59 -0.59 -2.37
C ALA B 134 32.31 -1.37 -2.10
N SER B 135 31.40 -1.35 -3.06
CA SER B 135 30.13 -2.07 -2.97
C SER B 135 30.04 -3.05 -4.13
N VAL B 136 29.92 -4.34 -3.82
CA VAL B 136 29.77 -5.38 -4.82
C VAL B 136 28.35 -5.91 -4.73
N VAL B 137 27.65 -5.94 -5.87
CA VAL B 137 26.23 -6.28 -5.92
C VAL B 137 26.06 -7.57 -6.71
N CYS B 138 25.33 -8.52 -6.12
CA CYS B 138 24.95 -9.77 -6.76
C CYS B 138 23.43 -9.76 -6.95
N LEU B 139 22.99 -9.89 -8.20
CA LEU B 139 21.58 -9.75 -8.55
C LEU B 139 20.99 -11.12 -8.87
N LEU B 140 19.85 -11.42 -8.23
CA LEU B 140 19.07 -12.63 -8.50
C LEU B 140 17.74 -12.16 -9.07
N ASN B 141 17.51 -12.46 -10.35
CA ASN B 141 16.40 -11.89 -11.09
C ASN B 141 15.37 -12.95 -11.47
N ASN B 142 14.11 -12.66 -11.20
CA ASN B 142 12.96 -13.45 -11.66
C ASN B 142 13.11 -14.94 -11.28
N PHE B 143 12.88 -15.20 -9.99
CA PHE B 143 12.97 -16.55 -9.46
C PHE B 143 11.78 -16.84 -8.56
N TYR B 144 11.47 -18.14 -8.44
CA TYR B 144 10.44 -18.64 -7.57
C TYR B 144 10.79 -20.08 -7.23
N PRO B 145 10.60 -20.52 -5.98
CA PRO B 145 10.04 -19.78 -4.84
C PRO B 145 10.97 -18.74 -4.23
N ARG B 146 10.47 -18.04 -3.20
CA ARG B 146 11.19 -16.91 -2.64
C ARG B 146 12.46 -17.35 -1.92
N GLU B 147 12.45 -18.53 -1.33
CA GLU B 147 13.57 -19.01 -0.53
C GLU B 147 14.81 -19.19 -1.39
N ALA B 148 15.87 -18.46 -1.06
CA ALA B 148 17.13 -18.52 -1.79
C ALA B 148 18.27 -18.18 -0.84
N LYS B 149 19.41 -18.81 -1.05
CA LYS B 149 20.58 -18.64 -0.19
C LYS B 149 21.72 -18.10 -1.04
N VAL B 150 22.24 -16.92 -0.67
CA VAL B 150 23.31 -16.27 -1.39
C VAL B 150 24.56 -16.29 -0.51
N GLN B 151 25.64 -16.83 -1.05
CA GLN B 151 26.90 -16.97 -0.32
C GLN B 151 27.96 -16.13 -1.00
N TRP B 152 28.66 -15.31 -0.21
CA TRP B 152 29.72 -14.45 -0.71
C TRP B 152 31.07 -15.09 -0.42
N LYS B 153 31.94 -15.13 -1.43
CA LYS B 153 33.26 -15.70 -1.30
C LYS B 153 34.28 -14.72 -1.85
N VAL B 154 35.32 -14.45 -1.06
CA VAL B 154 36.42 -13.57 -1.46
C VAL B 154 37.70 -14.40 -1.40
N ASP B 155 38.30 -14.65 -2.56
CA ASP B 155 39.45 -15.55 -2.68
C ASP B 155 39.11 -16.93 -2.09
N ASN B 156 37.91 -17.41 -2.43
CA ASN B 156 37.41 -18.72 -2.01
C ASN B 156 37.23 -18.83 -0.49
N ALA B 157 37.18 -17.70 0.21
CA ALA B 157 36.97 -17.68 1.66
C ALA B 157 35.56 -17.19 1.96
N LEU B 158 34.82 -17.98 2.72
CA LEU B 158 33.43 -17.64 3.04
C LEU B 158 33.37 -16.34 3.83
N GLN B 159 32.51 -15.43 3.38
CA GLN B 159 32.32 -14.14 4.01
C GLN B 159 31.00 -14.13 4.78
N SER B 160 30.94 -13.30 5.81
CA SER B 160 29.73 -13.13 6.60
C SER B 160 29.84 -11.84 7.40
N GLY B 161 28.70 -11.17 7.57
CA GLY B 161 28.64 -9.95 8.35
C GLY B 161 28.88 -8.68 7.56
N ASN B 162 29.29 -8.77 6.30
CA ASN B 162 29.56 -7.60 5.49
C ASN B 162 28.66 -7.52 4.27
N SER B 163 27.49 -8.16 4.31
CA SER B 163 26.56 -8.14 3.20
C SER B 163 25.16 -7.81 3.70
N GLN B 164 24.34 -7.25 2.81
CA GLN B 164 22.95 -6.94 3.09
C GLN B 164 22.10 -7.37 1.90
N GLU B 165 20.94 -7.95 2.20
CA GLU B 165 20.04 -8.45 1.18
C GLU B 165 18.77 -7.60 1.11
N SER B 166 18.14 -7.62 -0.06
CA SER B 166 16.88 -6.93 -0.28
C SER B 166 16.11 -7.68 -1.36
N VAL B 167 14.88 -8.05 -1.06
CA VAL B 167 14.06 -8.85 -1.95
C VAL B 167 12.77 -8.10 -2.24
N THR B 168 12.28 -8.21 -3.47
CA THR B 168 11.05 -7.56 -3.88
C THR B 168 9.85 -8.42 -3.48
N GLU B 169 8.66 -7.95 -3.86
CA GLU B 169 7.45 -8.74 -3.71
C GLU B 169 7.18 -9.51 -4.99
N GLN B 170 6.10 -10.30 -5.01
CA GLN B 170 5.72 -11.02 -6.21
C GLN B 170 5.39 -10.03 -7.32
N ASP B 171 6.03 -10.22 -8.48
CA ASP B 171 5.74 -9.38 -9.63
C ASP B 171 4.28 -9.53 -10.03
N SER B 172 3.65 -8.41 -10.38
CA SER B 172 2.24 -8.41 -10.72
C SER B 172 1.94 -9.13 -12.02
N LYS B 173 2.95 -9.48 -12.82
CA LYS B 173 2.72 -10.13 -14.10
C LYS B 173 3.27 -11.54 -14.18
N ASP B 174 4.35 -11.88 -13.50
CA ASP B 174 4.94 -13.21 -13.62
C ASP B 174 5.13 -13.90 -12.27
N CYS B 175 4.70 -13.28 -11.17
CA CYS B 175 4.66 -13.86 -9.83
C CYS B 175 6.04 -14.19 -9.28
N THR B 176 7.11 -13.69 -9.89
CA THR B 176 8.46 -13.99 -9.44
C THR B 176 8.97 -12.93 -8.48
N TYR B 177 10.01 -13.27 -7.76
CA TYR B 177 10.73 -12.36 -6.88
C TYR B 177 12.07 -11.99 -7.51
N SER B 178 12.65 -10.90 -7.01
CA SER B 178 14.01 -10.51 -7.34
C SER B 178 14.72 -10.11 -6.05
N LEU B 179 16.02 -10.40 -5.99
CA LEU B 179 16.80 -10.21 -4.79
C LEU B 179 18.13 -9.58 -5.14
N SER B 180 18.63 -8.73 -4.25
CA SER B 180 19.95 -8.14 -4.40
C SER B 180 20.76 -8.40 -3.13
N SER B 181 22.02 -8.76 -3.31
CA SER B 181 22.94 -8.98 -2.20
C SER B 181 24.13 -8.06 -2.40
N THR B 182 24.30 -7.10 -1.50
CA THR B 182 25.33 -6.07 -1.61
C THR B 182 26.44 -6.36 -0.61
N LEU B 183 27.63 -6.65 -1.12
CA LEU B 183 28.82 -6.84 -0.30
C LEU B 183 29.55 -5.50 -0.19
N THR B 184 29.79 -5.05 1.03
CA THR B 184 30.43 -3.76 1.28
C THR B 184 31.78 -3.99 1.95
N LEU B 185 32.84 -3.46 1.33
CA LEU B 185 34.18 -3.50 1.89
C LEU B 185 34.81 -2.12 1.80
N SER B 186 35.89 -1.94 2.54
CA SER B 186 36.67 -0.71 2.43
C SER B 186 37.60 -0.80 1.22
N LYS B 187 38.05 0.38 0.76
CA LYS B 187 38.96 0.40 -0.38
C LYS B 187 40.24 -0.36 -0.08
N ALA B 188 40.79 -0.18 1.11
CA ALA B 188 42.01 -0.91 1.49
C ALA B 188 41.77 -2.41 1.51
N ASP B 189 40.64 -2.83 2.08
CA ASP B 189 40.33 -4.25 2.13
C ASP B 189 40.00 -4.80 0.76
N TYR B 190 39.34 -3.99 -0.08
CA TYR B 190 39.01 -4.44 -1.43
C TYR B 190 40.26 -4.65 -2.26
N GLU B 191 41.31 -3.87 -2.02
CA GLU B 191 42.55 -4.02 -2.76
C GLU B 191 43.40 -5.16 -2.23
N LYS B 192 43.00 -5.78 -1.12
CA LYS B 192 43.77 -6.87 -0.54
C LYS B 192 43.54 -8.20 -1.26
N HIS B 193 42.49 -8.30 -2.06
CA HIS B 193 42.06 -9.58 -2.61
C HIS B 193 41.82 -9.47 -4.11
N LYS B 194 41.75 -10.63 -4.76
CA LYS B 194 41.68 -10.72 -6.21
C LYS B 194 40.33 -11.22 -6.70
N VAL B 195 39.90 -12.40 -6.25
CA VAL B 195 38.71 -13.06 -6.79
C VAL B 195 37.53 -12.75 -5.87
N TYR B 196 36.47 -12.19 -6.46
CA TYR B 196 35.22 -11.91 -5.76
C TYR B 196 34.11 -12.71 -6.42
N ALA B 197 33.47 -13.60 -5.65
CA ALA B 197 32.50 -14.53 -6.20
C ALA B 197 31.21 -14.50 -5.38
N CYS B 198 30.13 -14.90 -6.03
CA CYS B 198 28.80 -14.93 -5.44
C CYS B 198 28.15 -16.26 -5.78
N GLU B 199 27.88 -17.08 -4.77
CA GLU B 199 27.29 -18.40 -4.96
C GLU B 199 25.83 -18.38 -4.56
N VAL B 200 24.97 -18.91 -5.43
CA VAL B 200 23.53 -18.89 -5.24
C VAL B 200 23.02 -20.33 -5.19
N THR B 201 22.25 -20.62 -4.15
CA THR B 201 21.56 -21.91 -4.01
C THR B 201 20.06 -21.66 -4.04
N HIS B 202 19.38 -22.30 -4.99
CA HIS B 202 17.94 -22.14 -5.15
C HIS B 202 17.36 -23.43 -5.71
N GLN B 203 16.06 -23.64 -5.44
CA GLN B 203 15.40 -24.87 -5.88
C GLN B 203 15.46 -25.03 -7.40
N GLY B 204 15.35 -23.93 -8.15
CA GLY B 204 15.37 -24.02 -9.60
C GLY B 204 16.70 -24.38 -10.20
N LEU B 205 17.76 -24.50 -9.39
CA LEU B 205 19.09 -24.86 -9.86
C LEU B 205 19.42 -26.27 -9.41
N SER B 206 19.86 -27.10 -10.35
CA SER B 206 20.27 -28.47 -10.00
C SER B 206 21.54 -28.45 -9.15
N SER B 207 22.36 -27.41 -9.30
CA SER B 207 23.56 -27.23 -8.50
C SER B 207 23.78 -25.73 -8.34
N PRO B 208 24.50 -25.31 -7.29
CA PRO B 208 24.68 -23.87 -7.05
C PRO B 208 25.36 -23.18 -8.23
N VAL B 209 25.00 -21.91 -8.41
CA VAL B 209 25.54 -21.08 -9.49
C VAL B 209 26.48 -20.06 -8.87
N THR B 210 27.69 -19.96 -9.44
CA THR B 210 28.71 -19.02 -8.97
C THR B 210 29.00 -18.01 -10.07
N LYS B 211 28.94 -16.73 -9.73
CA LYS B 211 29.31 -15.65 -10.63
C LYS B 211 30.46 -14.88 -10.00
N SER B 212 31.53 -14.67 -10.77
CA SER B 212 32.75 -14.12 -10.18
C SER B 212 33.44 -13.21 -11.19
N PHE B 213 34.37 -12.42 -10.67
CA PHE B 213 35.22 -11.56 -11.48
C PHE B 213 36.54 -11.37 -10.75
N ASN B 214 37.60 -11.17 -11.53
CA ASN B 214 38.92 -10.87 -10.99
C ASN B 214 39.12 -9.35 -10.99
N ARG B 215 39.50 -8.82 -9.83
CA ARG B 215 39.63 -7.37 -9.68
C ARG B 215 40.65 -6.81 -10.65
N GLY B 216 40.28 -5.72 -11.33
CA GLY B 216 41.16 -5.09 -12.29
C GLY B 216 41.15 -5.68 -13.67
N GLU B 217 40.21 -6.57 -13.98
CA GLU B 217 40.14 -7.20 -15.29
C GLU B 217 38.86 -6.80 -16.02
N PCA C 1 -13.25 11.49 -10.98
CA PCA C 1 -13.13 11.53 -9.52
CB PCA C 1 -14.23 10.68 -8.87
CG PCA C 1 -14.83 9.83 -9.97
CD PCA C 1 -14.26 10.46 -11.21
OE PCA C 1 -14.64 10.12 -12.33
C PCA C 1 -11.77 11.02 -9.07
O PCA C 1 -11.40 9.88 -9.33
N SER C 2 -11.02 11.89 -8.38
CA SER C 2 -9.68 11.55 -7.91
C SER C 2 -9.23 12.47 -6.79
N VAL C 3 -8.23 12.03 -6.03
CA VAL C 3 -7.68 12.82 -4.93
C VAL C 3 -6.15 12.72 -4.96
N GLU C 4 -5.51 13.69 -4.31
CA GLU C 4 -4.05 13.74 -4.28
C GLU C 4 -3.60 14.37 -2.97
N GLU C 5 -2.70 13.68 -2.27
CA GLU C 5 -2.17 14.13 -1.00
C GLU C 5 -0.82 14.84 -1.20
N SER C 6 -0.50 15.75 -0.28
CA SER C 6 0.75 16.49 -0.35
C SER C 6 1.03 17.10 1.01
N GLY C 7 2.27 17.56 1.18
CA GLY C 7 2.71 18.18 2.40
C GLY C 7 3.66 17.35 3.23
N GLY C 8 3.90 16.11 2.86
CA GLY C 8 4.76 15.24 3.65
C GLY C 8 6.22 15.65 3.51
N ARG C 9 6.93 15.68 4.64
CA ARG C 9 8.33 16.05 4.67
C ARG C 9 8.95 15.42 5.90
N LEU C 10 10.24 15.70 6.12
CA LEU C 10 10.93 15.28 7.33
C LEU C 10 10.77 16.36 8.39
N VAL C 11 10.34 15.96 9.58
CA VAL C 11 10.14 16.89 10.67
C VAL C 11 10.87 16.38 11.91
N THR C 12 11.31 17.30 12.73
CA THR C 12 11.82 16.96 14.05
C THR C 12 10.63 16.67 14.97
N PRO C 13 10.73 15.68 15.85
CA PRO C 13 9.63 15.39 16.77
C PRO C 13 9.17 16.64 17.52
N GLY C 14 7.85 16.83 17.55
CA GLY C 14 7.25 17.99 18.18
C GLY C 14 6.89 19.11 17.23
N THR C 15 7.36 19.05 15.98
CA THR C 15 7.09 20.10 15.00
C THR C 15 5.76 19.81 14.31
N PRO C 16 4.73 20.62 14.50
CA PRO C 16 3.44 20.34 13.87
C PRO C 16 3.55 20.35 12.35
N LEU C 17 2.76 19.48 11.71
CA LEU C 17 2.78 19.31 10.27
C LEU C 17 1.36 19.18 9.76
N THR C 18 1.08 19.84 8.63
CA THR C 18 -0.26 19.84 8.04
C THR C 18 -0.17 19.26 6.64
N LEU C 19 -0.95 18.21 6.40
CA LEU C 19 -1.08 17.62 5.07
C LEU C 19 -2.42 18.02 4.46
N THR C 20 -2.44 18.17 3.15
CA THR C 20 -3.64 18.58 2.42
C THR C 20 -3.98 17.55 1.35
N CYS C 21 -5.27 17.42 1.08
CA CYS C 21 -5.79 16.48 0.08
C CYS C 21 -6.68 17.23 -0.88
N THR C 22 -6.25 17.35 -2.13
CA THR C 22 -6.99 18.08 -3.15
C THR C 22 -7.87 17.10 -3.93
N VAL C 23 -9.16 17.40 -4.01
CA VAL C 23 -10.12 16.53 -4.68
C VAL C 23 -10.49 17.15 -6.03
N SER C 24 -11.01 16.31 -6.92
CA SER C 24 -11.42 16.75 -8.24
C SER C 24 -12.44 15.75 -8.78
N GLY C 25 -13.46 16.27 -9.47
CA GLY C 25 -14.51 15.44 -10.01
C GLY C 25 -15.71 15.24 -9.12
N PHE C 26 -15.66 15.73 -7.88
CA PHE C 26 -16.78 15.59 -6.95
C PHE C 26 -16.66 16.69 -5.91
N SER C 27 -17.75 16.91 -5.18
CA SER C 27 -17.84 18.00 -4.21
C SER C 27 -17.72 17.45 -2.80
N LEU C 28 -16.99 18.18 -1.96
CA LEU C 28 -16.91 17.81 -0.54
C LEU C 28 -18.21 18.07 0.19
N SER C 29 -19.12 18.86 -0.39
CA SER C 29 -20.45 19.02 0.17
C SER C 29 -21.33 17.81 -0.08
N ASP C 30 -20.89 16.89 -0.95
CA ASP C 30 -21.66 15.69 -1.27
C ASP C 30 -21.09 14.41 -0.67
N TYR C 31 -19.82 14.42 -0.26
CA TYR C 31 -19.16 13.21 0.20
C TYR C 31 -18.35 13.49 1.45
N ALA C 32 -18.22 12.47 2.29
CA ALA C 32 -17.33 12.52 3.44
C ALA C 32 -15.94 12.03 3.03
N MET C 33 -14.94 12.46 3.79
CA MET C 33 -13.56 12.10 3.51
C MET C 33 -12.93 11.53 4.78
N SER C 34 -12.07 10.53 4.60
CA SER C 34 -11.34 9.91 5.69
C SER C 34 -9.85 10.08 5.47
N TRP C 35 -9.09 10.00 6.56
CA TRP C 35 -7.63 10.00 6.52
C TRP C 35 -7.12 8.66 7.07
N VAL C 36 -6.23 8.03 6.32
CA VAL C 36 -5.66 6.73 6.69
C VAL C 36 -4.16 6.81 6.54
N ARG C 37 -3.43 6.19 7.46
CA ARG C 37 -1.97 6.14 7.40
C ARG C 37 -1.49 4.70 7.40
N GLN C 38 -0.23 4.52 7.01
CA GLN C 38 0.35 3.19 6.86
C GLN C 38 1.84 3.30 7.15
N ALA C 39 2.26 2.74 8.28
CA ALA C 39 3.67 2.74 8.64
C ALA C 39 4.46 1.88 7.65
N PRO C 40 5.76 2.15 7.47
CA PRO C 40 6.56 1.39 6.50
C PRO C 40 6.45 -0.12 6.67
N GLY C 41 5.90 -0.79 5.67
CA GLY C 41 5.75 -2.23 5.68
C GLY C 41 4.64 -2.75 6.55
N LYS C 42 3.90 -1.90 7.24
CA LYS C 42 2.82 -2.34 8.11
C LYS C 42 1.47 -2.12 7.43
N GLY C 43 0.39 -2.19 8.21
CA GLY C 43 -0.95 -2.15 7.67
C GLY C 43 -1.57 -0.76 7.72
N LEU C 44 -2.86 -0.71 7.39
CA LEU C 44 -3.60 0.55 7.34
C LEU C 44 -4.21 0.89 8.69
N GLU C 45 -4.10 2.15 9.07
CA GLU C 45 -4.70 2.67 10.31
C GLU C 45 -5.63 3.81 9.96
N TRP C 46 -6.91 3.66 10.31
CA TRP C 46 -7.90 4.70 10.07
C TRP C 46 -7.76 5.77 11.15
N ILE C 47 -7.52 7.01 10.73
CA ILE C 47 -7.32 8.11 11.67
C ILE C 47 -8.64 8.79 12.03
N GLY C 48 -9.38 9.23 11.02
CA GLY C 48 -10.63 9.91 11.28
C GLY C 48 -11.41 10.12 10.00
N ILE C 49 -12.52 10.85 10.12
CA ILE C 49 -13.39 11.14 9.00
C ILE C 49 -13.98 12.54 9.18
N ILE C 50 -14.02 13.30 8.09
CA ILE C 50 -14.78 14.54 8.02
C ILE C 50 -16.06 14.27 7.24
N TYR C 51 -17.19 14.67 7.80
CA TYR C 51 -18.45 14.52 7.09
C TYR C 51 -18.71 15.74 6.22
N ALA C 52 -19.71 15.63 5.34
CA ALA C 52 -20.01 16.72 4.43
C ALA C 52 -20.40 17.98 5.19
N SER C 53 -21.10 17.83 6.30
CA SER C 53 -21.49 18.96 7.12
C SER C 53 -20.35 19.49 7.98
N GLY C 54 -19.23 18.78 8.06
CA GLY C 54 -18.07 19.25 8.78
C GLY C 54 -17.81 18.58 10.11
N SER C 55 -18.64 17.61 10.50
CA SER C 55 -18.47 16.95 11.79
C SER C 55 -17.23 16.06 11.78
N THR C 56 -16.37 16.23 12.78
CA THR C 56 -15.14 15.47 12.91
C THR C 56 -15.37 14.29 13.86
N TYR C 57 -14.90 13.11 13.45
CA TYR C 57 -14.88 11.95 14.32
C TYR C 57 -13.55 11.23 14.13
N TYR C 58 -12.89 10.90 15.23
CA TYR C 58 -11.56 10.32 15.21
C TYR C 58 -11.56 8.97 15.90
N ALA C 59 -10.55 8.15 15.56
CA ALA C 59 -10.33 6.92 16.29
C ALA C 59 -9.91 7.23 17.73
N SER C 60 -10.06 6.22 18.59
CA SER C 60 -9.77 6.42 20.01
C SER C 60 -8.32 6.83 20.24
N TRP C 61 -7.39 6.26 19.48
CA TRP C 61 -5.99 6.60 19.60
C TRP C 61 -5.61 7.89 18.88
N ALA C 62 -6.49 8.40 18.01
CA ALA C 62 -6.17 9.59 17.22
C ALA C 62 -6.61 10.88 17.88
N LYS C 63 -7.41 10.82 18.94
CA LYS C 63 -7.87 12.04 19.60
C LYS C 63 -6.69 12.77 20.23
N GLY C 64 -6.62 14.08 20.00
CA GLY C 64 -5.54 14.89 20.49
C GLY C 64 -4.25 14.80 19.70
N ARG C 65 -4.14 13.82 18.80
CA ARG C 65 -2.95 13.66 17.98
C ARG C 65 -3.13 14.09 16.54
N PHE C 66 -4.38 14.22 16.07
CA PHE C 66 -4.67 14.64 14.70
C PHE C 66 -5.84 15.60 14.71
N THR C 67 -5.88 16.47 13.69
CA THR C 67 -6.97 17.41 13.51
C THR C 67 -7.34 17.43 12.04
N ILE C 68 -8.58 17.10 11.72
CA ILE C 68 -9.07 17.07 10.35
C ILE C 68 -9.98 18.27 10.12
N SER C 69 -9.73 19.01 9.04
CA SER C 69 -10.58 20.11 8.62
C SER C 69 -10.67 20.08 7.10
N LYS C 70 -11.46 20.97 6.54
CA LYS C 70 -11.64 20.99 5.09
C LYS C 70 -12.08 22.37 4.64
N THR C 71 -11.73 22.70 3.40
CA THR C 71 -12.22 23.89 2.72
C THR C 71 -13.31 23.49 1.73
N SER C 72 -13.54 24.31 0.72
CA SER C 72 -14.52 23.97 -0.31
C SER C 72 -13.99 22.92 -1.27
N THR C 73 -12.67 22.77 -1.40
CA THR C 73 -12.11 21.84 -2.36
C THR C 73 -10.93 21.01 -1.83
N THR C 74 -10.50 21.21 -0.59
CA THR C 74 -9.39 20.46 -0.02
C THR C 74 -9.77 19.98 1.38
N VAL C 75 -9.09 18.91 1.80
CA VAL C 75 -9.20 18.37 3.16
C VAL C 75 -7.82 18.39 3.79
N ASP C 76 -7.73 18.84 5.04
CA ASP C 76 -6.47 18.98 5.73
C ASP C 76 -6.36 17.99 6.88
N LEU C 77 -5.13 17.56 7.15
CA LEU C 77 -4.81 16.71 8.29
C LEU C 77 -3.60 17.30 9.00
N LYS C 78 -3.81 17.88 10.17
CA LYS C 78 -2.73 18.44 10.97
C LYS C 78 -2.31 17.43 12.03
N ILE C 79 -1.02 17.11 12.07
CA ILE C 79 -0.45 16.27 13.11
C ILE C 79 0.00 17.20 14.24
N THR C 80 -0.62 17.07 15.41
CA THR C 80 -0.42 18.05 16.47
C THR C 80 0.99 18.04 17.01
N SER C 81 1.46 16.89 17.49
CA SER C 81 2.80 16.75 18.05
C SER C 81 3.41 15.45 17.55
N PRO C 82 4.09 15.48 16.40
CA PRO C 82 4.58 14.23 15.80
C PRO C 82 5.64 13.55 16.66
N THR C 83 5.54 12.23 16.72
CA THR C 83 6.55 11.36 17.32
C THR C 83 7.10 10.45 16.24
N THR C 84 8.16 9.72 16.59
CA THR C 84 8.77 8.80 15.62
C THR C 84 7.78 7.76 15.13
N GLU C 85 6.79 7.40 15.94
CA GLU C 85 5.78 6.41 15.55
C GLU C 85 4.73 6.97 14.63
N ASP C 86 4.80 8.26 14.29
CA ASP C 86 3.91 8.84 13.30
C ASP C 86 4.55 8.89 11.92
N THR C 87 5.74 8.31 11.76
CA THR C 87 6.38 8.17 10.46
C THR C 87 5.60 7.15 9.64
N ALA C 88 4.91 7.62 8.60
CA ALA C 88 4.06 6.74 7.80
C ALA C 88 3.65 7.46 6.53
N THR C 89 3.06 6.70 5.62
CA THR C 89 2.42 7.25 4.44
C THR C 89 0.96 7.52 4.77
N TYR C 90 0.50 8.74 4.48
CA TYR C 90 -0.85 9.18 4.83
C TYR C 90 -1.70 9.27 3.58
N PHE C 91 -2.89 8.67 3.63
CA PHE C 91 -3.83 8.67 2.53
C PHE C 91 -5.09 9.45 2.91
N CYS C 92 -5.74 10.04 1.92
CA CYS C 92 -7.09 10.55 2.05
C CYS C 92 -8.01 9.72 1.17
N ALA C 93 -9.21 9.44 1.66
CA ALA C 93 -10.12 8.54 0.97
C ALA C 93 -11.55 9.05 1.06
N ARG C 94 -12.26 8.98 -0.06
CA ARG C 94 -13.67 9.35 -0.09
C ARG C 94 -14.53 8.25 0.49
N TYR C 95 -15.52 8.64 1.29
CA TYR C 95 -16.41 7.70 1.94
C TYR C 95 -17.75 7.67 1.21
N TYR C 96 -18.19 6.47 0.83
CA TYR C 96 -19.51 6.27 0.25
C TYR C 96 -20.10 4.99 0.84
N ALA C 97 -19.76 3.85 0.24
CA ALA C 97 -19.99 2.53 0.82
C ALA C 97 -18.60 1.94 1.06
N GLY C 98 -17.98 2.37 2.14
CA GLY C 98 -16.56 2.13 2.33
C GLY C 98 -15.76 3.30 1.78
N SER C 99 -14.49 3.04 1.50
CA SER C 99 -13.59 4.04 0.96
C SER C 99 -13.26 3.66 -0.49
N ASP C 100 -13.84 4.39 -1.44
CA ASP C 100 -13.78 4.00 -2.85
C ASP C 100 -12.69 4.72 -3.63
N ILE C 101 -12.40 5.98 -3.33
CA ILE C 101 -11.38 6.76 -4.03
C ILE C 101 -10.21 6.98 -3.07
N TRP C 102 -9.01 6.60 -3.51
CA TRP C 102 -7.80 6.77 -2.73
C TRP C 102 -6.78 7.57 -3.54
N GLY C 103 -5.89 8.26 -2.83
CA GLY C 103 -4.82 9.00 -3.45
C GLY C 103 -3.51 8.24 -3.43
N PRO C 104 -2.50 8.75 -4.12
CA PRO C 104 -1.19 8.08 -4.11
C PRO C 104 -0.54 8.06 -2.75
N GLY C 105 -0.92 8.96 -1.85
CA GLY C 105 -0.35 9.02 -0.52
C GLY C 105 0.84 9.96 -0.45
N THR C 106 1.03 10.54 0.72
CA THR C 106 2.19 11.39 1.01
C THR C 106 2.95 10.81 2.18
N LEU C 107 4.27 10.88 2.13
CA LEU C 107 5.14 10.23 3.09
C LEU C 107 5.62 11.24 4.13
N VAL C 108 5.44 10.91 5.41
CA VAL C 108 5.86 11.75 6.52
C VAL C 108 6.90 10.99 7.33
N THR C 109 8.03 11.64 7.60
CA THR C 109 9.10 11.07 8.39
C THR C 109 9.36 11.97 9.59
N VAL C 110 9.35 11.39 10.78
CA VAL C 110 9.60 12.11 12.02
C VAL C 110 10.88 11.57 12.64
N SER C 111 11.94 12.37 12.58
CA SER C 111 13.24 11.93 13.08
C SER C 111 14.08 13.17 13.39
N SER C 112 15.07 12.97 14.25
CA SER C 112 16.01 14.03 14.60
C SER C 112 17.24 14.04 13.70
N ALA C 113 17.42 13.03 12.85
CA ALA C 113 18.58 12.97 11.98
C ALA C 113 18.46 13.98 10.85
N SER C 114 19.60 14.34 10.28
CA SER C 114 19.65 15.36 9.24
C SER C 114 19.41 14.77 7.87
N THR C 115 18.88 15.59 6.97
CA THR C 115 18.65 15.17 5.60
C THR C 115 19.97 15.02 4.87
N LYS C 116 20.08 13.95 4.07
CA LYS C 116 21.26 13.72 3.26
C LYS C 116 20.84 13.23 1.88
N GLY C 117 21.38 13.85 0.83
CA GLY C 117 21.14 13.42 -0.52
C GLY C 117 21.95 12.19 -0.86
N PRO C 118 21.46 11.41 -1.82
CA PRO C 118 22.12 10.13 -2.13
C PRO C 118 23.28 10.30 -3.09
N SER C 119 24.12 9.28 -3.10
CA SER C 119 25.17 9.14 -4.11
C SER C 119 24.74 8.04 -5.08
N VAL C 120 24.86 8.30 -6.37
CA VAL C 120 24.42 7.37 -7.40
C VAL C 120 25.65 6.84 -8.14
N PHE C 121 25.83 5.53 -8.12
CA PHE C 121 26.93 4.86 -8.77
C PHE C 121 26.40 3.89 -9.82
N PRO C 122 27.12 3.70 -10.92
CA PRO C 122 26.63 2.81 -11.98
C PRO C 122 26.91 1.35 -11.68
N LEU C 123 25.98 0.49 -12.08
CA LEU C 123 26.16 -0.95 -12.09
C LEU C 123 26.33 -1.33 -13.56
N ALA C 124 27.57 -1.25 -14.03
CA ALA C 124 27.92 -1.37 -15.45
C ALA C 124 27.69 -2.78 -15.96
N PRO C 125 27.21 -2.92 -17.20
CA PRO C 125 27.08 -4.24 -17.81
C PRO C 125 28.42 -4.81 -18.23
N SER C 126 28.46 -6.14 -18.30
CA SER C 126 29.68 -6.86 -18.68
C SER C 126 30.06 -6.62 -20.14
N SER C 129 26.94 -10.22 -15.93
CA SER C 129 25.96 -9.19 -16.25
C SER C 129 25.26 -9.48 -17.58
N THR C 130 25.92 -10.23 -18.45
CA THR C 130 25.39 -10.57 -19.77
C THR C 130 25.22 -12.08 -19.87
N SER C 131 23.99 -12.52 -20.15
CA SER C 131 23.67 -13.94 -20.28
C SER C 131 22.82 -14.12 -21.54
N GLY C 132 23.38 -14.74 -22.56
CA GLY C 132 22.66 -14.93 -23.80
C GLY C 132 22.45 -13.60 -24.52
N GLY C 133 21.21 -13.34 -24.92
CA GLY C 133 20.87 -12.12 -25.62
C GLY C 133 20.46 -10.98 -24.73
N THR C 134 20.40 -11.17 -23.42
CA THR C 134 19.98 -10.14 -22.47
C THR C 134 21.12 -9.82 -21.52
N ALA C 135 21.33 -8.52 -21.29
CA ALA C 135 22.31 -8.04 -20.34
C ALA C 135 21.62 -7.26 -19.23
N ALA C 136 22.26 -7.22 -18.06
CA ALA C 136 21.72 -6.55 -16.89
C ALA C 136 22.58 -5.36 -16.50
N LEU C 137 21.93 -4.25 -16.20
CA LEU C 137 22.61 -3.05 -15.74
C LEU C 137 21.71 -2.34 -14.74
N GLY C 138 22.28 -1.38 -14.02
CA GLY C 138 21.49 -0.67 -13.04
C GLY C 138 22.27 0.45 -12.39
N CYS C 139 21.67 0.99 -11.32
CA CYS C 139 22.24 2.07 -10.53
C CYS C 139 22.26 1.69 -9.07
N LEU C 140 23.24 2.22 -8.35
CA LEU C 140 23.35 2.02 -6.90
C LEU C 140 23.12 3.36 -6.22
N VAL C 141 22.05 3.45 -5.43
CA VAL C 141 21.68 4.66 -4.72
C VAL C 141 22.06 4.47 -3.26
N LYS C 142 23.09 5.17 -2.80
CA LYS C 142 23.70 4.90 -1.51
C LYS C 142 23.73 6.14 -0.63
N ASP C 143 23.54 5.93 0.68
CA ASP C 143 23.75 6.92 1.73
C ASP C 143 22.82 8.13 1.56
N TYR C 144 21.54 7.87 1.81
CA TYR C 144 20.54 8.94 1.80
C TYR C 144 19.60 8.78 2.99
N PHE C 145 18.99 9.90 3.37
CA PHE C 145 18.01 9.93 4.45
C PHE C 145 17.22 11.21 4.34
N PRO C 146 15.90 11.18 4.54
CA PRO C 146 15.12 9.97 4.81
C PRO C 146 14.51 9.38 3.54
N GLU C 147 13.46 8.58 3.71
CA GLU C 147 12.67 8.13 2.58
C GLU C 147 11.85 9.29 2.02
N PRO C 148 11.44 9.21 0.74
CA PRO C 148 11.72 8.15 -0.23
C PRO C 148 12.68 8.58 -1.33
N VAL C 149 12.99 7.63 -2.22
CA VAL C 149 13.77 7.89 -3.43
C VAL C 149 13.03 7.27 -4.60
N THR C 150 12.85 8.05 -5.67
CA THR C 150 12.23 7.56 -6.90
C THR C 150 13.31 7.34 -7.95
N VAL C 151 13.18 6.25 -8.70
CA VAL C 151 14.11 5.91 -9.77
C VAL C 151 13.32 5.59 -11.03
N SER C 152 13.66 6.27 -12.12
CA SER C 152 13.14 5.97 -13.45
C SER C 152 14.32 5.75 -14.39
N TRP C 153 14.02 5.19 -15.55
CA TRP C 153 15.05 4.90 -16.55
C TRP C 153 14.67 5.56 -17.86
N ASN C 154 15.61 6.29 -18.45
CA ASN C 154 15.40 7.02 -19.70
C ASN C 154 14.17 7.92 -19.61
N SER C 155 14.05 8.63 -18.48
CA SER C 155 12.96 9.58 -18.25
C SER C 155 11.59 8.93 -18.36
N GLY C 156 11.49 7.66 -17.94
CA GLY C 156 10.23 6.95 -17.98
C GLY C 156 9.95 6.17 -19.25
N ALA C 157 10.81 6.30 -20.26
CA ALA C 157 10.62 5.58 -21.51
C ALA C 157 10.94 4.10 -21.40
N LEU C 158 11.67 3.69 -20.37
CA LEU C 158 12.08 2.30 -20.17
C LEU C 158 11.46 1.80 -18.87
N THR C 159 10.45 0.93 -18.98
CA THR C 159 9.75 0.40 -17.82
C THR C 159 9.77 -1.13 -17.74
N SER C 160 9.98 -1.83 -18.85
CA SER C 160 9.96 -3.28 -18.83
C SER C 160 11.27 -3.81 -18.26
N GLY C 161 11.16 -4.72 -17.28
CA GLY C 161 12.32 -5.31 -16.65
C GLY C 161 12.95 -4.49 -15.56
N VAL C 162 12.32 -3.40 -15.14
CA VAL C 162 12.88 -2.54 -14.09
C VAL C 162 12.53 -3.12 -12.73
N HIS C 163 13.53 -3.23 -11.86
CA HIS C 163 13.34 -3.65 -10.47
C HIS C 163 14.07 -2.67 -9.56
N THR C 164 13.32 -1.89 -8.81
CA THR C 164 13.89 -1.00 -7.80
C THR C 164 13.69 -1.66 -6.44
N PHE C 165 14.80 -2.10 -5.84
CA PHE C 165 14.72 -2.86 -4.61
C PHE C 165 14.36 -1.97 -3.42
N PRO C 166 13.69 -2.52 -2.42
CA PRO C 166 13.42 -1.74 -1.21
C PRO C 166 14.71 -1.30 -0.52
N ALA C 167 14.67 -0.12 0.06
CA ALA C 167 15.84 0.41 0.74
C ALA C 167 16.08 -0.34 2.06
N VAL C 168 17.35 -0.60 2.35
CA VAL C 168 17.77 -1.24 3.59
C VAL C 168 18.61 -0.22 4.36
N LEU C 169 18.24 0.00 5.62
CA LEU C 169 18.93 0.99 6.44
C LEU C 169 20.29 0.45 6.85
N GLN C 170 21.34 1.24 6.59
CA GLN C 170 22.68 0.80 6.89
C GLN C 170 23.07 1.19 8.31
N SER C 171 24.29 0.81 8.70
CA SER C 171 24.77 1.13 10.04
C SER C 171 24.98 2.63 10.24
N SER C 172 25.22 3.37 9.15
CA SER C 172 25.37 4.81 9.24
C SER C 172 24.05 5.54 9.50
N GLY C 173 22.94 4.81 9.59
CA GLY C 173 21.64 5.43 9.68
C GLY C 173 21.06 5.91 8.38
N LEU C 174 21.74 5.64 7.26
CA LEU C 174 21.31 6.09 5.95
C LEU C 174 20.80 4.90 5.13
N TYR C 175 19.84 5.16 4.25
CA TYR C 175 19.28 4.12 3.42
C TYR C 175 20.14 3.88 2.19
N SER C 176 19.88 2.77 1.51
CA SER C 176 20.59 2.41 0.30
C SER C 176 19.78 1.37 -0.46
N LEU C 177 19.75 1.49 -1.78
CA LEU C 177 19.05 0.54 -2.64
C LEU C 177 19.71 0.50 -4.01
N SER C 178 19.20 -0.39 -4.86
CA SER C 178 19.65 -0.52 -6.23
C SER C 178 18.45 -0.69 -7.14
N SER C 179 18.53 -0.10 -8.33
CA SER C 179 17.52 -0.26 -9.37
C SER C 179 18.18 -0.92 -10.56
N VAL C 180 17.64 -2.05 -11.01
CA VAL C 180 18.23 -2.81 -12.10
C VAL C 180 17.23 -2.93 -13.24
N VAL C 181 17.76 -3.21 -14.43
CA VAL C 181 16.93 -3.43 -15.62
C VAL C 181 17.64 -4.44 -16.52
N THR C 182 16.84 -5.22 -17.23
CA THR C 182 17.33 -6.19 -18.20
C THR C 182 17.03 -5.68 -19.60
N VAL C 183 18.05 -5.63 -20.44
CA VAL C 183 17.92 -5.09 -21.79
C VAL C 183 18.57 -6.07 -22.76
N PRO C 184 18.21 -6.00 -24.05
CA PRO C 184 18.91 -6.81 -25.04
C PRO C 184 20.40 -6.50 -25.05
N SER C 185 21.20 -7.56 -25.15
CA SER C 185 22.66 -7.39 -25.15
C SER C 185 23.12 -6.59 -26.37
N SER C 186 22.36 -6.65 -27.47
CA SER C 186 22.72 -5.91 -28.67
C SER C 186 22.45 -4.41 -28.54
N SER C 187 21.62 -4.00 -27.59
CA SER C 187 21.33 -2.59 -27.41
C SER C 187 22.40 -1.86 -26.62
N LEU C 188 23.38 -2.57 -26.05
CA LEU C 188 24.41 -1.92 -25.26
C LEU C 188 25.28 -1.00 -26.10
N GLY C 189 25.55 -1.37 -27.35
CA GLY C 189 26.33 -0.53 -28.23
C GLY C 189 25.58 0.57 -28.92
N THR C 190 24.26 0.64 -28.76
CA THR C 190 23.42 1.61 -29.46
C THR C 190 22.62 2.48 -28.51
N GLN C 191 21.90 1.89 -27.57
CA GLN C 191 21.02 2.64 -26.68
C GLN C 191 21.77 3.09 -25.43
N THR C 192 21.53 4.34 -25.04
CA THR C 192 22.14 4.91 -23.85
C THR C 192 21.13 4.81 -22.70
N TYR C 193 21.60 4.37 -21.54
CA TYR C 193 20.75 4.11 -20.39
C TYR C 193 21.13 5.05 -19.25
N ILE C 194 20.20 5.89 -18.83
CA ILE C 194 20.38 6.81 -17.73
C ILE C 194 19.29 6.54 -16.70
N CYS C 195 19.68 6.33 -15.45
CA CYS C 195 18.71 6.24 -14.36
C CYS C 195 18.50 7.62 -13.77
N ASN C 196 17.24 7.97 -13.53
CA ASN C 196 16.87 9.28 -13.02
C ASN C 196 16.48 9.12 -11.56
N VAL C 197 17.34 9.58 -10.66
CA VAL C 197 17.12 9.46 -9.22
C VAL C 197 16.68 10.82 -8.70
N ASN C 198 15.58 10.82 -7.94
CA ASN C 198 15.05 12.04 -7.34
C ASN C 198 14.81 11.79 -5.87
N HIS C 199 15.51 12.54 -5.01
CA HIS C 199 15.33 12.47 -3.56
C HIS C 199 14.75 13.82 -3.14
N LYS C 200 13.42 13.89 -3.14
CA LYS C 200 12.74 15.16 -2.85
C LYS C 200 13.06 15.72 -1.46
N PRO C 201 13.19 14.94 -0.39
CA PRO C 201 13.51 15.54 0.92
C PRO C 201 14.79 16.36 0.94
N SER C 202 15.73 16.08 0.04
CA SER C 202 16.95 16.88 -0.06
C SER C 202 17.01 17.71 -1.33
N ASN C 203 15.92 17.76 -2.10
CA ASN C 203 15.86 18.51 -3.35
C ASN C 203 16.95 18.06 -4.33
N THR C 204 17.28 16.78 -4.28
CA THR C 204 18.36 16.22 -5.08
C THR C 204 17.80 15.49 -6.30
N LYS C 205 18.27 15.85 -7.48
CA LYS C 205 17.94 15.15 -8.71
C LYS C 205 19.23 14.85 -9.45
N VAL C 206 19.51 13.56 -9.65
CA VAL C 206 20.75 13.10 -10.26
C VAL C 206 20.41 12.16 -11.42
N ASP C 207 20.99 12.43 -12.58
CA ASP C 207 20.87 11.57 -13.75
C ASP C 207 22.23 10.94 -14.02
N LYS C 208 22.34 9.62 -13.87
CA LYS C 208 23.60 8.91 -13.97
C LYS C 208 23.61 8.05 -15.22
N LYS C 209 24.63 8.23 -16.06
CA LYS C 209 24.79 7.45 -17.28
C LYS C 209 25.50 6.14 -16.95
N VAL C 210 24.88 5.02 -17.31
CA VAL C 210 25.44 3.69 -17.10
C VAL C 210 25.83 3.12 -18.44
N GLU C 211 27.07 2.69 -18.56
CA GLU C 211 27.62 2.25 -19.84
C GLU C 211 28.60 1.13 -19.61
N PRO C 212 28.90 0.33 -20.63
CA PRO C 212 29.83 -0.79 -20.44
C PRO C 212 31.22 -0.32 -20.05
N LYS C 213 31.92 -1.14 -19.28
CA LYS C 213 33.28 -0.86 -18.90
C LYS C 213 34.24 -1.19 -20.04
N SER C 214 35.26 -0.37 -20.20
CA SER C 214 36.23 -0.54 -21.29
C SER C 214 36.95 -1.89 -21.20
CD CD D . -40.11 1.55 -4.31
CD CD E . -26.54 -3.46 -6.30
CD CD F . -26.88 -6.19 -1.48
CD CD G . -8.62 -20.97 -14.62
CD CD H . -8.59 -12.17 -15.11
CD CD I . 5.64 -9.44 1.88
CD CD J . 7.75 -6.53 -14.59
CD CD K . 10.87 -9.05 -14.24
CD CD L . 19.97 -15.59 2.35
CD CD M . 29.13 -23.71 -1.22
CD CD N . 39.05 0.31 -13.67
CD CD O . 19.15 -26.52 -5.41
CD CD P . -24.08 19.43 -4.26
CD CD Q . 31.25 7.54 -22.90
CD CD R . -0.05 17.06 -9.28
CD CD S . -24.70 2.39 -5.19
#